data_7OON
#
_entry.id   7OON
#
_cell.length_a   63.493
_cell.length_b   79.492
_cell.length_c   85.074
_cell.angle_alpha   90.000
_cell.angle_beta   102.010
_cell.angle_gamma   90.000
#
_symmetry.space_group_name_H-M   'C 1 2 1'
#
loop_
_entity.id
_entity.type
_entity.pdbx_description
1 polymer 'Heme-binding protein 1'
2 non-polymer 'PROTOPORPHYRIN IX CONTAINING FE'
3 non-polymer 'SULFATE ION'
4 water water
#
_entity_poly.entity_id   1
_entity_poly.type   'polypeptide(L)'
_entity_poly.pdbx_seq_one_letter_code
;GSNSLFGSVETWPWQVLSTGGKEDVSYEERACEGGKFATVEVTDKPVDEALREAMPKIMKYVGGTNDKGVGMGMTVPVSF
AVFPNEDGSLQKKLKVWFRIPNQFQGSPPAPSDESVKIEEREGITVYSTQFGGYAKEADYVAHATQLRTTLEGTPATYQG
DVYYCAGYDPPMKPYGRRNEVWLVKA
;
_entity_poly.pdbx_strand_id   A,B
#
loop_
_chem_comp.id
_chem_comp.type
_chem_comp.name
_chem_comp.formula
HEM non-polymer 'PROTOPORPHYRIN IX CONTAINING FE' 'C34 H32 Fe N4 O4'
SO4 non-polymer 'SULFATE ION' 'O4 S -2'
#
# COMPACT_ATOMS: atom_id res chain seq x y z
N ASN A 3 1.32 -16.05 5.20
CA ASN A 3 1.12 -14.63 5.49
C ASN A 3 1.21 -13.79 4.21
N SER A 4 0.04 -13.38 3.71
CA SER A 4 -0.03 -12.61 2.49
C SER A 4 0.08 -11.12 2.79
N LEU A 5 0.85 -10.41 1.95
CA LEU A 5 1.03 -8.98 2.16
C LEU A 5 -0.22 -8.18 1.79
N PHE A 6 -0.88 -8.56 0.70
CA PHE A 6 -2.07 -7.87 0.24
C PHE A 6 -3.26 -8.82 0.13
N GLY A 7 -3.37 -9.74 1.10
CA GLY A 7 -4.60 -10.50 1.23
C GLY A 7 -5.76 -9.68 1.74
N SER A 8 -5.52 -8.44 2.13
CA SER A 8 -6.55 -7.53 2.61
C SER A 8 -7.21 -6.75 1.48
N VAL A 9 -6.65 -6.78 0.28
CA VAL A 9 -7.26 -6.13 -0.88
C VAL A 9 -8.33 -7.05 -1.43
N GLU A 10 -9.56 -6.56 -1.52
CA GLU A 10 -10.70 -7.35 -1.96
C GLU A 10 -11.37 -6.70 -3.16
N THR A 11 -12.19 -7.48 -3.85
CA THR A 11 -12.89 -7.01 -5.02
C THR A 11 -14.25 -6.45 -4.64
N TRP A 12 -14.63 -5.36 -5.31
CA TRP A 12 -15.97 -4.79 -5.17
C TRP A 12 -17.01 -5.85 -5.50
N PRO A 13 -17.92 -6.18 -4.58
CA PRO A 13 -18.93 -7.21 -4.88
C PRO A 13 -20.03 -6.66 -5.77
N TRP A 14 -20.13 -7.21 -6.98
CA TRP A 14 -21.23 -6.90 -7.89
C TRP A 14 -21.64 -8.17 -8.63
N GLN A 15 -22.73 -8.07 -9.37
CA GLN A 15 -23.29 -9.20 -10.10
C GLN A 15 -23.40 -8.83 -11.57
N VAL A 16 -22.74 -9.61 -12.43
CA VAL A 16 -22.73 -9.34 -13.87
C VAL A 16 -24.05 -9.80 -14.45
N LEU A 17 -24.93 -8.84 -14.78
CA LEU A 17 -26.25 -9.18 -15.30
C LEU A 17 -26.21 -9.53 -16.78
N SER A 18 -25.37 -8.84 -17.56
CA SER A 18 -25.28 -9.12 -18.99
C SER A 18 -24.01 -8.49 -19.55
N THR A 19 -23.48 -9.11 -20.59
CA THR A 19 -22.42 -8.55 -21.40
C THR A 19 -22.96 -8.26 -22.79
N GLY A 20 -22.48 -7.18 -23.40
CA GLY A 20 -22.92 -6.84 -24.74
C GLY A 20 -21.81 -6.25 -25.59
N GLY A 21 -22.19 -5.66 -26.72
CA GLY A 21 -21.21 -5.08 -27.61
C GLY A 21 -20.73 -6.07 -28.65
N LYS A 22 -19.78 -6.93 -28.27
CA LYS A 22 -19.13 -7.94 -29.12
C LYS A 22 -18.39 -7.32 -30.31
N GLU A 23 -18.43 -6.01 -30.48
CA GLU A 23 -17.79 -5.34 -31.62
C GLU A 23 -16.52 -4.68 -31.13
N ASP A 24 -16.24 -3.42 -31.45
CA ASP A 24 -15.05 -2.76 -30.93
C ASP A 24 -15.24 -2.36 -29.48
N VAL A 25 -16.46 -2.02 -29.08
CA VAL A 25 -16.78 -1.61 -27.72
C VAL A 25 -17.67 -2.66 -27.08
N SER A 26 -17.20 -3.25 -26.00
CA SER A 26 -17.97 -4.19 -25.19
C SER A 26 -18.34 -3.55 -23.87
N TYR A 27 -19.41 -4.04 -23.26
CA TYR A 27 -19.87 -3.51 -21.99
C TYR A 27 -20.37 -4.64 -21.10
N GLU A 28 -20.36 -4.36 -19.80
CA GLU A 28 -20.89 -5.28 -18.79
C GLU A 28 -21.91 -4.52 -17.94
N GLU A 29 -23.09 -5.10 -17.79
CA GLU A 29 -24.11 -4.55 -16.90
C GLU A 29 -23.95 -5.17 -15.52
N ARG A 30 -23.65 -4.33 -14.53
CA ARG A 30 -23.33 -4.78 -13.18
C ARG A 30 -24.28 -4.16 -12.17
N ALA A 31 -24.83 -4.98 -11.29
CA ALA A 31 -25.54 -4.50 -10.10
C ALA A 31 -24.52 -4.48 -8.96
N CYS A 32 -24.07 -3.29 -8.59
CA CYS A 32 -23.02 -3.14 -7.60
C CYS A 32 -23.60 -2.93 -6.22
N GLU A 33 -23.03 -3.62 -5.23
CA GLU A 33 -23.51 -3.52 -3.86
C GLU A 33 -23.16 -2.16 -3.26
N GLY A 34 -24.04 -1.68 -2.39
CA GLY A 34 -23.81 -0.44 -1.69
C GLY A 34 -23.12 -0.64 -0.36
N GLY A 35 -23.50 0.13 0.66
CA GLY A 35 -22.88 0.02 1.96
C GLY A 35 -22.16 1.30 2.35
N LYS A 36 -21.21 1.21 3.27
CA LYS A 36 -20.47 2.40 3.68
C LYS A 36 -19.34 2.70 2.70
N PHE A 37 -19.09 4.00 2.51
CA PHE A 37 -18.06 4.47 1.59
C PHE A 37 -17.26 5.57 2.25
N ALA A 38 -15.99 5.68 1.86
CA ALA A 38 -15.14 6.81 2.23
C ALA A 38 -15.01 7.72 1.02
N THR A 39 -15.47 8.96 1.15
CA THR A 39 -15.53 9.89 0.04
C THR A 39 -14.67 11.12 0.33
N VAL A 40 -14.15 11.72 -0.74
CA VAL A 40 -13.40 12.97 -0.68
C VAL A 40 -13.84 13.83 -1.86
N GLU A 41 -14.44 14.98 -1.56
CA GLU A 41 -14.91 15.89 -2.60
C GLU A 41 -13.83 16.92 -2.91
N VAL A 42 -13.59 17.15 -4.20
CA VAL A 42 -12.61 18.12 -4.67
C VAL A 42 -13.27 18.99 -5.73
N THR A 43 -13.19 20.30 -5.56
CA THR A 43 -13.79 21.25 -6.49
C THR A 43 -12.74 22.26 -6.94
N ASP A 44 -13.02 22.91 -8.06
CA ASP A 44 -12.14 23.94 -8.63
C ASP A 44 -10.76 23.39 -8.95
N LYS A 45 -10.72 22.15 -9.46
CA LYS A 45 -9.48 21.51 -9.86
C LYS A 45 -9.77 20.49 -10.95
N PRO A 46 -8.89 20.36 -11.94
CA PRO A 46 -9.11 19.37 -13.00
C PRO A 46 -9.10 17.96 -12.44
N VAL A 47 -9.75 17.05 -13.17
CA VAL A 47 -9.89 15.67 -12.71
C VAL A 47 -8.52 15.03 -12.52
N ASP A 48 -7.57 15.33 -13.40
CA ASP A 48 -6.24 14.76 -13.26
C ASP A 48 -5.57 15.20 -11.96
N GLU A 49 -5.72 16.47 -11.59
CA GLU A 49 -5.10 17.00 -10.38
C GLU A 49 -5.97 16.79 -9.15
N ALA A 50 -7.26 16.53 -9.31
CA ALA A 50 -8.11 16.25 -8.15
C ALA A 50 -7.75 14.92 -7.52
N LEU A 51 -7.48 13.90 -8.34
CA LEU A 51 -7.13 12.59 -7.80
C LEU A 51 -5.82 12.64 -7.02
N ARG A 52 -4.88 13.48 -7.47
CA ARG A 52 -3.58 13.55 -6.80
C ARG A 52 -3.68 14.18 -5.41
N GLU A 53 -4.75 14.92 -5.14
CA GLU A 53 -5.00 15.48 -3.82
C GLU A 53 -5.95 14.63 -2.98
N ALA A 54 -6.93 14.00 -3.62
CA ALA A 54 -7.96 13.26 -2.88
C ALA A 54 -7.49 11.86 -2.49
N MET A 55 -6.88 11.14 -3.44
CA MET A 55 -6.57 9.74 -3.20
C MET A 55 -5.59 9.49 -2.05
N PRO A 56 -4.52 10.27 -1.85
CA PRO A 56 -3.64 9.99 -0.71
C PRO A 56 -4.33 10.16 0.63
N LYS A 57 -5.37 11.00 0.70
CA LYS A 57 -6.17 11.07 1.92
C LYS A 57 -6.91 9.77 2.18
N ILE A 58 -7.43 9.15 1.11
CA ILE A 58 -8.11 7.86 1.26
C ILE A 58 -7.11 6.78 1.67
N MET A 59 -5.95 6.74 1.01
CA MET A 59 -4.98 5.69 1.30
C MET A 59 -4.37 5.87 2.68
N LYS A 60 -4.24 7.10 3.17
CA LYS A 60 -3.78 7.30 4.53
C LYS A 60 -4.81 6.81 5.54
N TYR A 61 -6.10 6.99 5.24
CA TYR A 61 -7.15 6.56 6.15
C TYR A 61 -7.10 5.05 6.36
N VAL A 62 -7.18 4.28 5.27
CA VAL A 62 -7.10 2.83 5.38
C VAL A 62 -5.72 2.35 5.81
N GLY A 63 -4.73 3.23 5.82
CA GLY A 63 -3.38 2.92 6.26
C GLY A 63 -3.13 3.16 7.73
N GLY A 64 -4.16 3.45 8.51
CA GLY A 64 -4.01 3.67 9.95
C GLY A 64 -4.32 5.08 10.43
N THR A 65 -4.69 6.02 9.55
CA THR A 65 -5.03 7.37 9.98
C THR A 65 -6.52 7.42 10.32
N ASN A 66 -6.86 6.73 11.41
CA ASN A 66 -8.23 6.69 11.92
C ASN A 66 -8.19 6.59 13.44
N ASP A 67 -9.36 6.75 14.06
CA ASP A 67 -9.42 6.82 15.51
C ASP A 67 -8.99 5.52 16.17
N LYS A 68 -9.21 4.38 15.51
CA LYS A 68 -8.71 3.11 16.03
C LYS A 68 -7.25 2.89 15.68
N GLY A 69 -6.70 3.65 14.73
CA GLY A 69 -5.32 3.49 14.33
C GLY A 69 -4.99 2.13 13.75
N VAL A 70 -5.89 1.57 12.96
CA VAL A 70 -5.74 0.23 12.42
C VAL A 70 -5.80 0.29 10.90
N GLY A 71 -5.04 -0.59 10.25
CA GLY A 71 -5.19 -0.78 8.83
C GLY A 71 -6.51 -1.44 8.49
N MET A 72 -6.97 -1.21 7.26
CA MET A 72 -8.27 -1.69 6.83
C MET A 72 -8.26 -2.48 5.54
N GLY A 73 -7.11 -2.63 4.89
CA GLY A 73 -7.15 -3.17 3.54
C GLY A 73 -7.73 -2.15 2.59
N MET A 74 -8.29 -2.64 1.49
CA MET A 74 -8.94 -1.76 0.53
C MET A 74 -9.82 -2.58 -0.40
N THR A 75 -10.60 -1.87 -1.20
CA THR A 75 -11.47 -2.47 -2.20
C THR A 75 -11.07 -1.93 -3.57
N VAL A 76 -10.93 -2.83 -4.54
CA VAL A 76 -10.69 -2.43 -5.93
C VAL A 76 -11.92 -2.79 -6.74
N PRO A 77 -12.31 -1.98 -7.73
CA PRO A 77 -11.63 -0.74 -8.11
C PRO A 77 -12.02 0.45 -7.25
N VAL A 78 -11.21 1.50 -7.29
CA VAL A 78 -11.52 2.76 -6.62
C VAL A 78 -12.25 3.64 -7.62
N SER A 79 -13.52 3.90 -7.35
CA SER A 79 -14.34 4.69 -8.25
C SER A 79 -14.38 6.14 -7.78
N PHE A 80 -14.48 7.06 -8.75
CA PHE A 80 -14.68 8.46 -8.46
C PHE A 80 -15.66 9.05 -9.47
N ALA A 81 -16.46 10.01 -9.01
CA ALA A 81 -17.53 10.58 -9.81
C ALA A 81 -17.06 11.81 -10.56
N VAL A 82 -17.28 11.82 -11.87
CA VAL A 82 -17.00 12.98 -12.71
C VAL A 82 -18.31 13.47 -13.31
N PHE A 83 -18.36 14.76 -13.62
CA PHE A 83 -19.60 15.40 -14.05
C PHE A 83 -19.39 16.03 -15.43
N PRO A 84 -20.03 15.51 -16.48
CA PRO A 84 -19.80 16.02 -17.82
C PRO A 84 -20.71 17.18 -18.19
N ASN A 85 -20.17 18.06 -19.03
CA ASN A 85 -20.95 19.14 -19.62
C ASN A 85 -21.70 18.59 -20.83
N GLU A 86 -22.36 19.47 -21.59
CA GLU A 86 -23.06 19.02 -22.79
C GLU A 86 -22.10 18.68 -23.92
N ASP A 87 -20.89 19.22 -23.90
CA ASP A 87 -19.88 18.90 -24.90
C ASP A 87 -19.01 17.71 -24.51
N GLY A 88 -19.39 16.97 -23.46
CA GLY A 88 -18.63 15.82 -23.01
C GLY A 88 -17.47 16.12 -22.10
N SER A 89 -16.96 17.35 -22.09
CA SER A 89 -15.84 17.70 -21.23
C SER A 89 -16.25 17.61 -19.76
N LEU A 90 -15.26 17.39 -18.91
CA LEU A 90 -15.49 17.15 -17.49
C LEU A 90 -15.29 18.44 -16.70
N GLN A 91 -16.27 18.76 -15.86
CA GLN A 91 -16.14 19.90 -14.96
C GLN A 91 -14.99 19.67 -13.99
N LYS A 92 -14.55 20.76 -13.36
CA LYS A 92 -13.49 20.72 -12.36
C LYS A 92 -13.98 20.24 -11.00
N LYS A 93 -14.94 19.31 -10.99
CA LYS A 93 -15.52 18.76 -9.76
C LYS A 93 -15.27 17.26 -9.73
N LEU A 94 -14.95 16.73 -8.55
CA LEU A 94 -14.63 15.32 -8.42
C LEU A 94 -15.00 14.85 -7.01
N LYS A 95 -15.44 13.60 -6.90
CA LYS A 95 -15.77 12.99 -5.62
C LYS A 95 -15.36 11.53 -5.66
N VAL A 96 -14.49 11.13 -4.75
CA VAL A 96 -14.04 9.75 -4.67
C VAL A 96 -15.09 8.91 -3.97
N TRP A 97 -15.29 7.67 -4.44
CA TRP A 97 -16.24 6.74 -3.82
C TRP A 97 -15.51 5.42 -3.57
N PHE A 98 -14.72 5.40 -2.50
CA PHE A 98 -13.98 4.22 -2.10
C PHE A 98 -14.85 3.40 -1.15
N ARG A 99 -15.12 2.15 -1.53
CA ARG A 99 -16.00 1.31 -0.74
C ARG A 99 -15.23 0.67 0.41
N ILE A 100 -15.83 0.70 1.60
CA ILE A 100 -15.18 0.13 2.79
C ILE A 100 -15.09 -1.38 2.64
N PRO A 101 -13.98 -2.01 3.03
CA PRO A 101 -13.90 -3.48 2.96
C PRO A 101 -15.00 -4.12 3.80
N ASN A 102 -15.39 -5.33 3.41
CA ASN A 102 -16.60 -5.95 3.94
C ASN A 102 -16.51 -6.16 5.45
N GLN A 103 -15.33 -6.57 5.94
CA GLN A 103 -15.21 -6.82 7.37
C GLN A 103 -15.26 -5.53 8.18
N PHE A 104 -15.19 -4.37 7.55
CA PHE A 104 -15.36 -3.09 8.22
C PHE A 104 -16.64 -2.38 7.82
N GLN A 105 -17.53 -3.04 7.08
CA GLN A 105 -18.79 -2.41 6.70
C GLN A 105 -19.71 -2.20 7.91
N GLY A 106 -19.59 -3.05 8.92
CA GLY A 106 -20.41 -2.92 10.12
C GLY A 106 -20.25 -1.57 10.80
N SER A 107 -19.06 -1.32 11.35
CA SER A 107 -18.74 -0.04 11.99
C SER A 107 -17.39 0.43 11.46
N PRO A 108 -17.38 1.23 10.41
CA PRO A 108 -16.12 1.72 9.84
C PRO A 108 -15.38 2.61 10.83
N PRO A 109 -14.08 2.41 10.98
CA PRO A 109 -13.29 3.33 11.80
C PRO A 109 -13.41 4.77 11.29
N ALA A 110 -13.46 5.70 12.23
CA ALA A 110 -13.70 7.09 11.87
C ALA A 110 -12.42 7.75 11.35
N PRO A 111 -12.51 8.50 10.25
CA PRO A 111 -11.30 9.08 9.67
C PRO A 111 -10.75 10.21 10.55
N SER A 112 -9.42 10.20 10.72
CA SER A 112 -8.78 11.28 11.44
C SER A 112 -8.81 12.58 10.64
N ASP A 113 -8.61 12.49 9.32
CA ASP A 113 -8.74 13.66 8.46
C ASP A 113 -10.21 13.95 8.20
N GLU A 114 -10.63 15.19 8.51
CA GLU A 114 -12.03 15.56 8.36
C GLU A 114 -12.45 15.67 6.90
N SER A 115 -11.49 15.80 5.97
CA SER A 115 -11.83 15.78 4.55
C SER A 115 -12.42 14.44 4.14
N VAL A 116 -11.93 13.36 4.75
CA VAL A 116 -12.47 12.02 4.51
C VAL A 116 -13.77 11.89 5.29
N LYS A 117 -14.86 11.60 4.58
CA LYS A 117 -16.18 11.47 5.19
C LYS A 117 -16.72 10.07 4.92
N ILE A 118 -17.04 9.35 5.98
CA ILE A 118 -17.70 8.05 5.85
C ILE A 118 -19.16 8.30 5.53
N GLU A 119 -19.59 7.95 4.32
CA GLU A 119 -20.96 8.10 3.89
C GLU A 119 -21.55 6.73 3.58
N GLU A 120 -22.86 6.70 3.33
CA GLU A 120 -23.56 5.47 3.01
C GLU A 120 -24.39 5.66 1.76
N ARG A 121 -24.36 4.65 0.88
CA ARG A 121 -25.04 4.70 -0.40
C ARG A 121 -25.73 3.37 -0.64
N GLU A 122 -26.76 3.39 -1.47
CA GLU A 122 -27.46 2.17 -1.83
C GLU A 122 -26.82 1.54 -3.07
N GLY A 123 -27.20 0.29 -3.34
CA GLY A 123 -26.69 -0.39 -4.50
C GLY A 123 -27.17 0.24 -5.79
N ILE A 124 -26.30 0.22 -6.80
CA ILE A 124 -26.59 0.82 -8.09
C ILE A 124 -26.28 -0.19 -9.19
N THR A 125 -26.85 0.07 -10.37
CA THR A 125 -26.57 -0.70 -11.57
C THR A 125 -25.82 0.20 -12.55
N VAL A 126 -24.72 -0.31 -13.11
CA VAL A 126 -23.87 0.46 -13.99
C VAL A 126 -23.59 -0.32 -15.26
N TYR A 127 -23.39 0.41 -16.35
CA TYR A 127 -22.87 -0.15 -17.59
C TYR A 127 -21.39 0.22 -17.67
N SER A 128 -20.53 -0.78 -17.81
CA SER A 128 -19.09 -0.58 -17.71
C SER A 128 -18.40 -1.00 -19.00
N THR A 129 -17.48 -0.15 -19.46
CA THR A 129 -16.56 -0.49 -20.54
C THR A 129 -15.14 -0.34 -20.02
N GLN A 130 -14.21 -1.11 -20.59
CA GLN A 130 -12.86 -1.21 -20.05
C GLN A 130 -11.82 -0.84 -21.10
N PHE A 131 -10.69 -0.34 -20.61
CA PHE A 131 -9.53 0.01 -21.44
C PHE A 131 -8.31 0.07 -20.54
N GLY A 132 -7.14 -0.08 -21.14
CA GLY A 132 -5.90 -0.19 -20.40
C GLY A 132 -5.14 1.13 -20.31
N GLY A 133 -3.88 1.01 -19.90
CA GLY A 133 -2.97 2.14 -19.88
C GLY A 133 -3.21 3.08 -18.71
N TYR A 134 -2.39 4.14 -18.68
CA TYR A 134 -2.60 5.23 -17.73
C TYR A 134 -3.66 6.17 -18.28
N ALA A 135 -4.73 6.35 -17.53
CA ALA A 135 -5.88 7.12 -18.02
C ALA A 135 -5.74 8.60 -17.67
N LYS A 136 -6.17 9.44 -18.60
CA LYS A 136 -6.26 10.88 -18.42
C LYS A 136 -7.70 11.33 -18.65
N GLU A 137 -7.93 12.64 -18.54
CA GLU A 137 -9.29 13.16 -18.68
CA GLU A 137 -9.29 13.16 -18.68
C GLU A 137 -9.83 12.90 -20.08
N ALA A 138 -9.00 13.10 -21.12
CA ALA A 138 -9.46 12.85 -22.48
C ALA A 138 -9.79 11.38 -22.70
N ASP A 139 -9.14 10.48 -21.96
CA ASP A 139 -9.35 9.05 -22.17
C ASP A 139 -10.69 8.60 -21.59
N TYR A 140 -11.04 9.07 -20.40
CA TYR A 140 -12.34 8.72 -19.83
C TYR A 140 -13.48 9.25 -20.70
N VAL A 141 -13.32 10.47 -21.22
CA VAL A 141 -14.36 11.05 -22.06
C VAL A 141 -14.56 10.23 -23.32
N ALA A 142 -13.47 9.84 -23.98
CA ALA A 142 -13.57 9.12 -25.24
C ALA A 142 -14.27 7.78 -25.07
N HIS A 143 -13.99 7.08 -23.98
CA HIS A 143 -14.61 5.77 -23.76
C HIS A 143 -16.03 5.90 -23.21
N ALA A 144 -16.32 6.98 -22.49
CA ALA A 144 -17.70 7.25 -22.12
C ALA A 144 -18.55 7.49 -23.35
N THR A 145 -18.01 8.22 -24.33
CA THR A 145 -18.75 8.48 -25.56
C THR A 145 -18.92 7.21 -26.39
N GLN A 146 -17.87 6.40 -26.49
CA GLN A 146 -17.98 5.14 -27.23
C GLN A 146 -18.98 4.20 -26.58
N LEU A 147 -19.13 4.26 -25.26
CA LEU A 147 -20.12 3.44 -24.57
C LEU A 147 -21.53 3.98 -24.80
N ARG A 148 -21.72 5.29 -24.67
CA ARG A 148 -23.03 5.87 -24.92
C ARG A 148 -23.51 5.53 -26.33
N THR A 149 -22.60 5.53 -27.30
CA THR A 149 -22.96 5.21 -28.68
C THR A 149 -23.45 3.77 -28.80
N THR A 150 -22.74 2.84 -28.17
CA THR A 150 -23.15 1.43 -28.24
C THR A 150 -24.49 1.23 -27.55
N LEU A 151 -24.73 1.92 -26.44
CA LEU A 151 -25.98 1.78 -25.72
C LEU A 151 -27.15 2.44 -26.45
N GLU A 152 -26.88 3.39 -27.34
CA GLU A 152 -27.94 3.96 -28.16
C GLU A 152 -28.39 2.94 -29.20
N GLY A 153 -29.70 2.77 -29.33
CA GLY A 153 -30.26 1.72 -30.15
C GLY A 153 -30.64 0.45 -29.40
N THR A 154 -30.46 0.44 -28.09
CA THR A 154 -30.82 -0.69 -27.23
C THR A 154 -31.80 -0.19 -26.17
N PRO A 155 -32.44 -1.09 -25.41
CA PRO A 155 -33.36 -0.62 -24.36
C PRO A 155 -32.65 -0.05 -23.14
N ALA A 156 -31.35 0.20 -23.24
CA ALA A 156 -30.59 0.69 -22.10
C ALA A 156 -30.97 2.13 -21.77
N THR A 157 -31.03 2.43 -20.48
CA THR A 157 -31.38 3.76 -19.98
C THR A 157 -30.38 4.14 -18.90
N TYR A 158 -29.69 5.27 -19.07
CA TYR A 158 -28.64 5.68 -18.16
C TYR A 158 -28.77 7.17 -17.84
N GLN A 159 -28.23 7.55 -16.69
CA GLN A 159 -28.20 8.95 -16.30
C GLN A 159 -27.18 9.72 -17.11
N GLY A 160 -27.41 11.03 -17.25
CA GLY A 160 -26.56 11.85 -18.08
C GLY A 160 -25.81 12.95 -17.37
N ASP A 161 -26.23 13.28 -16.14
CA ASP A 161 -25.59 14.35 -15.39
C ASP A 161 -24.35 13.90 -14.63
N VAL A 162 -24.18 12.59 -14.41
CA VAL A 162 -23.05 12.09 -13.65
C VAL A 162 -22.75 10.66 -14.10
N TYR A 163 -21.47 10.32 -14.11
CA TYR A 163 -21.04 8.93 -14.24
C TYR A 163 -19.77 8.73 -13.42
N TYR A 164 -19.31 7.50 -13.35
CA TYR A 164 -18.19 7.14 -12.50
C TYR A 164 -17.03 6.58 -13.33
N CYS A 165 -15.81 6.81 -12.84
CA CYS A 165 -14.60 6.26 -13.41
C CYS A 165 -13.90 5.41 -12.35
N ALA A 166 -13.42 4.24 -12.75
CA ALA A 166 -12.84 3.28 -11.84
C ALA A 166 -11.41 2.94 -12.26
N GLY A 167 -10.56 2.69 -11.27
CA GLY A 167 -9.20 2.25 -11.48
C GLY A 167 -8.84 1.08 -10.60
N TYR A 168 -8.16 0.08 -11.17
CA TYR A 168 -7.83 -1.12 -10.42
C TYR A 168 -6.38 -1.18 -9.97
N ASP A 169 -5.55 -0.22 -10.37
CA ASP A 169 -4.12 -0.34 -10.10
C ASP A 169 -3.56 0.95 -9.54
N PRO A 170 -2.60 0.87 -8.61
CA PRO A 170 -1.95 2.08 -8.10
C PRO A 170 -1.19 2.80 -9.20
N PRO A 171 -0.82 4.06 -8.99
CA PRO A 171 -0.03 4.78 -10.01
C PRO A 171 1.33 4.15 -10.27
N MET A 172 1.80 3.26 -9.41
CA MET A 172 3.12 2.65 -9.59
C MET A 172 3.08 1.49 -10.58
N LYS A 173 2.00 0.71 -10.59
CA LYS A 173 1.86 -0.51 -11.39
C LYS A 173 1.58 -0.17 -12.85
N PRO A 174 2.56 -0.33 -13.75
CA PRO A 174 2.35 0.08 -15.14
C PRO A 174 1.79 -1.02 -16.04
N TYR A 175 2.06 -2.27 -15.69
CA TYR A 175 1.75 -3.39 -16.57
C TYR A 175 0.31 -3.85 -16.38
N GLY A 176 -0.41 -4.02 -17.48
CA GLY A 176 -1.74 -4.60 -17.45
C GLY A 176 -2.75 -3.81 -16.64
N ARG A 177 -2.74 -2.49 -16.75
CA ARG A 177 -3.67 -1.68 -16.00
C ARG A 177 -5.09 -1.85 -16.55
N ARG A 178 -6.06 -1.61 -15.68
CA ARG A 178 -7.47 -1.66 -16.04
C ARG A 178 -8.14 -0.37 -15.61
N ASN A 179 -8.81 0.29 -16.54
CA ASN A 179 -9.65 1.44 -16.25
C ASN A 179 -11.05 1.17 -16.79
N GLU A 180 -12.06 1.69 -16.10
CA GLU A 180 -13.43 1.49 -16.50
C GLU A 180 -14.22 2.79 -16.37
N VAL A 181 -15.28 2.89 -17.19
CA VAL A 181 -16.25 3.98 -17.11
C VAL A 181 -17.60 3.36 -16.81
N TRP A 182 -18.24 3.83 -15.74
CA TRP A 182 -19.53 3.32 -15.31
C TRP A 182 -20.61 4.36 -15.58
N LEU A 183 -21.60 4.00 -16.39
CA LEU A 183 -22.78 4.82 -16.60
C LEU A 183 -23.89 4.32 -15.71
N VAL A 184 -24.40 5.18 -14.82
CA VAL A 184 -25.40 4.77 -13.85
C VAL A 184 -26.73 4.55 -14.57
N LYS A 185 -27.31 3.37 -14.38
CA LYS A 185 -28.59 3.04 -14.99
C LYS A 185 -29.74 3.75 -14.28
N ALA A 186 -30.76 4.11 -15.05
CA ALA A 186 -31.95 4.75 -14.51
C ALA A 186 -33.20 4.28 -15.26
N GLY B 1 11.07 -16.87 -5.03
CA GLY B 1 10.19 -16.01 -4.27
C GLY B 1 8.73 -16.35 -4.46
N SER B 2 7.85 -15.40 -4.15
CA SER B 2 6.41 -15.57 -4.31
C SER B 2 5.84 -14.39 -5.09
N ASN B 3 4.75 -14.64 -5.81
CA ASN B 3 4.12 -13.62 -6.64
C ASN B 3 3.11 -12.84 -5.81
N SER B 4 3.28 -11.52 -5.76
CA SER B 4 2.35 -10.61 -5.12
C SER B 4 1.54 -9.88 -6.18
N LEU B 5 0.38 -9.35 -5.75
CA LEU B 5 -0.49 -8.62 -6.68
C LEU B 5 0.22 -7.43 -7.29
N PHE B 6 1.14 -6.81 -6.56
CA PHE B 6 1.80 -5.58 -6.97
C PHE B 6 3.31 -5.75 -7.02
N GLY B 7 3.76 -6.88 -7.58
CA GLY B 7 5.18 -7.16 -7.70
C GLY B 7 5.55 -8.56 -7.24
N SER B 8 6.75 -8.71 -6.69
CA SER B 8 7.20 -9.97 -6.13
C SER B 8 7.74 -9.73 -4.73
N VAL B 9 7.67 -10.77 -3.89
CA VAL B 9 8.10 -10.69 -2.51
C VAL B 9 8.95 -11.90 -2.21
N GLU B 10 10.24 -11.69 -1.97
CA GLU B 10 11.13 -12.74 -1.54
C GLU B 10 11.52 -12.53 -0.08
N THR B 11 11.74 -13.63 0.63
CA THR B 11 12.14 -13.56 2.02
C THR B 11 13.65 -13.35 2.12
N TRP B 12 14.05 -12.44 3.01
CA TRP B 12 15.45 -12.18 3.28
C TRP B 12 16.15 -13.49 3.64
N PRO B 13 17.13 -13.92 2.84
CA PRO B 13 17.75 -15.24 3.07
C PRO B 13 18.50 -15.29 4.39
N TRP B 14 18.20 -16.31 5.18
CA TRP B 14 18.95 -16.58 6.39
C TRP B 14 18.88 -18.07 6.70
N GLN B 15 19.80 -18.53 7.54
CA GLN B 15 19.82 -19.90 8.01
C GLN B 15 19.63 -19.90 9.52
N VAL B 16 18.84 -20.87 10.00
CA VAL B 16 18.50 -20.96 11.42
C VAL B 16 19.62 -21.72 12.13
N LEU B 17 20.34 -21.01 13.01
CA LEU B 17 21.43 -21.60 13.77
C LEU B 17 20.94 -22.29 15.04
N SER B 18 20.05 -21.65 15.80
CA SER B 18 19.52 -22.26 17.01
C SER B 18 18.14 -21.68 17.30
N THR B 19 17.37 -22.43 18.10
CA THR B 19 16.07 -21.99 18.59
C THR B 19 16.17 -21.90 20.11
N GLY B 20 16.28 -20.69 20.63
CA GLY B 20 16.39 -20.45 22.04
C GLY B 20 15.10 -19.93 22.64
N GLY B 21 15.23 -19.30 23.81
CA GLY B 21 14.10 -18.69 24.47
C GLY B 21 13.11 -19.68 25.00
N LYS B 22 11.98 -19.82 24.31
CA LYS B 22 10.87 -20.70 24.68
C LYS B 22 10.27 -20.35 26.04
N GLU B 23 10.64 -19.21 26.62
CA GLU B 23 10.03 -18.74 27.85
C GLU B 23 8.74 -18.01 27.53
N ASP B 24 8.45 -16.92 28.27
CA ASP B 24 7.36 -16.05 27.88
C ASP B 24 7.64 -15.37 26.54
N VAL B 25 8.91 -15.28 26.16
CA VAL B 25 9.34 -14.73 24.88
C VAL B 25 10.28 -15.74 24.23
N SER B 26 10.10 -15.95 22.93
CA SER B 26 10.94 -16.86 22.17
C SER B 26 11.91 -16.06 21.28
N TYR B 27 13.07 -16.65 21.02
CA TYR B 27 14.04 -16.02 20.14
C TYR B 27 14.60 -17.03 19.15
N GLU B 28 15.23 -16.51 18.09
CA GLU B 28 15.86 -17.31 17.06
C GLU B 28 17.27 -16.80 16.81
N GLU B 29 18.16 -17.71 16.45
CA GLU B 29 19.52 -17.37 16.04
C GLU B 29 19.58 -17.42 14.52
N ARG B 30 19.68 -16.26 13.89
CA ARG B 30 19.60 -16.14 12.44
C ARG B 30 20.96 -15.74 11.87
N ALA B 31 21.42 -16.47 10.87
CA ALA B 31 22.63 -16.12 10.13
C ALA B 31 22.21 -15.47 8.82
N CYS B 32 21.87 -14.19 8.91
CA CYS B 32 21.44 -13.44 7.74
C CYS B 32 22.59 -13.28 6.75
N GLU B 33 22.22 -13.09 5.49
CA GLU B 33 23.18 -12.91 4.40
C GLU B 33 23.40 -11.43 4.12
N GLY B 34 24.48 -11.15 3.40
CA GLY B 34 24.84 -9.82 2.98
C GLY B 34 24.49 -9.57 1.53
N GLY B 35 25.09 -8.52 0.97
CA GLY B 35 24.86 -8.12 -0.39
C GLY B 35 24.62 -6.63 -0.47
N LYS B 36 23.99 -6.20 -1.56
CA LYS B 36 23.69 -4.80 -1.76
C LYS B 36 22.39 -4.44 -1.06
N PHE B 37 22.35 -3.23 -0.49
CA PHE B 37 21.19 -2.74 0.24
C PHE B 37 20.83 -1.34 -0.24
N ALA B 38 19.56 -0.99 -0.10
CA ALA B 38 19.08 0.35 -0.37
C ALA B 38 18.80 1.03 0.97
N THR B 39 19.56 2.09 1.27
CA THR B 39 19.52 2.72 2.58
C THR B 39 19.08 4.17 2.47
N VAL B 40 18.38 4.62 3.51
CA VAL B 40 18.01 6.01 3.68
C VAL B 40 18.30 6.41 5.12
N GLU B 41 19.00 7.51 5.32
CA GLU B 41 19.39 7.99 6.64
C GLU B 41 18.52 9.19 7.01
N VAL B 42 17.78 9.07 8.10
CA VAL B 42 16.92 10.14 8.61
C VAL B 42 17.42 10.57 9.98
N THR B 43 17.42 11.87 10.24
CA THR B 43 17.91 12.42 11.48
C THR B 43 17.00 13.55 11.93
N ASP B 44 17.10 13.87 13.23
CA ASP B 44 16.39 15.02 13.82
C ASP B 44 14.87 14.88 13.67
N LYS B 45 14.37 13.67 13.88
CA LYS B 45 12.94 13.40 13.81
C LYS B 45 12.64 12.17 14.66
N PRO B 46 11.44 12.06 15.22
CA PRO B 46 11.07 10.83 15.93
C PRO B 46 11.08 9.65 14.99
N VAL B 47 11.50 8.49 15.51
CA VAL B 47 11.63 7.29 14.68
C VAL B 47 10.31 6.95 14.01
N ASP B 48 9.18 7.23 14.65
CA ASP B 48 7.88 6.99 14.03
C ASP B 48 7.69 7.86 12.79
N GLU B 49 8.05 9.14 12.88
CA GLU B 49 7.98 10.00 11.70
C GLU B 49 9.16 9.80 10.77
N ALA B 50 10.28 9.25 11.27
CA ALA B 50 11.41 8.97 10.40
C ALA B 50 11.07 7.90 9.38
N LEU B 51 10.43 6.82 9.81
CA LEU B 51 9.99 5.77 8.89
C LEU B 51 8.97 6.32 7.90
N ARG B 52 8.15 7.27 8.32
CA ARG B 52 7.11 7.80 7.44
C ARG B 52 7.67 8.62 6.29
N GLU B 53 8.89 9.16 6.42
CA GLU B 53 9.50 9.91 5.33
C GLU B 53 10.57 9.11 4.60
N ALA B 54 10.99 7.97 5.14
CA ALA B 54 12.04 7.19 4.51
C ALA B 54 11.47 6.08 3.63
N MET B 55 10.48 5.35 4.16
CA MET B 55 9.87 4.26 3.40
C MET B 55 9.28 4.69 2.06
N PRO B 56 8.56 5.81 1.94
CA PRO B 56 8.08 6.22 0.61
C PRO B 56 9.20 6.42 -0.40
N LYS B 57 10.39 6.84 0.03
CA LYS B 57 11.52 6.90 -0.89
C LYS B 57 12.01 5.51 -1.25
N ILE B 58 11.95 4.57 -0.29
CA ILE B 58 12.35 3.19 -0.57
C ILE B 58 11.40 2.56 -1.58
N MET B 59 10.09 2.71 -1.35
CA MET B 59 9.11 2.09 -2.24
C MET B 59 9.12 2.71 -3.63
N LYS B 60 9.45 4.00 -3.74
CA LYS B 60 9.54 4.61 -5.06
C LYS B 60 10.73 4.04 -5.83
N TYR B 61 11.84 3.76 -5.14
CA TYR B 61 13.02 3.24 -5.81
C TYR B 61 12.75 1.87 -6.42
N VAL B 62 12.08 0.98 -5.69
CA VAL B 62 11.78 -0.35 -6.22
C VAL B 62 10.61 -0.34 -7.20
N GLY B 63 9.90 0.78 -7.33
CA GLY B 63 8.76 0.89 -8.20
C GLY B 63 9.03 1.48 -9.57
N GLY B 64 10.24 1.97 -9.82
CA GLY B 64 10.57 2.52 -11.11
C GLY B 64 11.32 3.83 -11.05
N THR B 65 11.44 4.42 -9.87
CA THR B 65 12.14 5.69 -9.70
C THR B 65 13.64 5.45 -9.49
N ASN B 66 14.26 4.90 -10.53
CA ASN B 66 15.70 4.68 -10.56
C ASN B 66 16.19 5.02 -11.96
N ASP B 67 17.44 4.64 -12.26
CA ASP B 67 18.04 5.02 -13.54
C ASP B 67 17.60 4.11 -14.68
N LYS B 68 17.13 2.90 -14.39
CA LYS B 68 16.66 1.98 -15.43
C LYS B 68 15.15 1.94 -15.58
N GLY B 69 14.42 2.65 -14.72
CA GLY B 69 12.96 2.62 -14.79
C GLY B 69 12.37 1.25 -14.58
N VAL B 70 13.04 0.40 -13.80
CA VAL B 70 12.66 -1.00 -13.64
C VAL B 70 12.03 -1.19 -12.26
N GLY B 71 11.04 -2.09 -12.20
CA GLY B 71 10.41 -2.46 -10.95
C GLY B 71 10.99 -3.76 -10.46
N MET B 72 11.60 -3.71 -9.27
CA MET B 72 12.42 -4.80 -8.76
C MET B 72 11.68 -5.73 -7.82
N GLY B 73 10.42 -5.45 -7.49
CA GLY B 73 9.83 -6.18 -6.39
C GLY B 73 10.43 -5.66 -5.09
N MET B 74 10.42 -6.52 -4.07
CA MET B 74 11.00 -6.12 -2.80
C MET B 74 11.23 -7.34 -1.92
N THR B 75 12.06 -7.15 -0.90
CA THR B 75 12.42 -8.18 0.07
C THR B 75 11.78 -7.85 1.41
N VAL B 76 11.19 -8.86 2.03
CA VAL B 76 10.69 -8.73 3.39
C VAL B 76 11.56 -9.59 4.31
N PRO B 77 11.82 -9.16 5.56
CA PRO B 77 11.31 -7.91 6.14
C PRO B 77 12.16 -6.68 5.76
N VAL B 78 11.57 -5.49 5.91
CA VAL B 78 12.29 -4.24 5.72
C VAL B 78 12.86 -3.82 7.07
N SER B 79 14.17 -3.93 7.22
CA SER B 79 14.83 -3.63 8.48
C SER B 79 15.31 -2.19 8.52
N PHE B 80 15.22 -1.59 9.71
CA PHE B 80 15.70 -0.23 9.93
C PHE B 80 16.46 -0.19 11.26
N ALA B 81 17.58 0.52 11.27
CA ALA B 81 18.47 0.54 12.42
C ALA B 81 18.07 1.65 13.37
N VAL B 82 18.02 1.32 14.66
CA VAL B 82 17.78 2.29 15.72
C VAL B 82 18.95 2.26 16.68
N PHE B 83 19.23 3.40 17.29
CA PHE B 83 20.40 3.56 18.14
C PHE B 83 19.97 3.90 19.56
N PRO B 84 20.24 3.04 20.54
CA PRO B 84 19.76 3.30 21.90
C PRO B 84 20.56 4.40 22.58
N ASN B 85 19.85 5.29 23.27
CA ASN B 85 20.47 6.40 23.97
C ASN B 85 20.91 5.95 25.36
N GLU B 86 21.43 6.91 26.15
CA GLU B 86 21.90 6.58 27.49
C GLU B 86 20.75 6.13 28.39
N ASP B 87 19.60 6.81 28.31
CA ASP B 87 18.44 6.42 29.10
C ASP B 87 17.88 5.06 28.70
N GLY B 88 18.30 4.52 27.55
CA GLY B 88 17.69 3.35 26.98
C GLY B 88 16.69 3.64 25.89
N SER B 89 16.23 4.88 25.80
CA SER B 89 15.34 5.29 24.72
C SER B 89 16.09 5.25 23.39
N LEU B 90 15.35 5.49 22.32
CA LEU B 90 15.89 5.44 20.97
C LEU B 90 16.28 6.84 20.52
N GLN B 91 17.54 7.00 20.10
CA GLN B 91 17.97 8.26 19.50
C GLN B 91 17.16 8.56 18.26
N LYS B 92 17.00 9.85 17.96
CA LYS B 92 16.26 10.27 16.79
C LYS B 92 17.06 10.02 15.51
N LYS B 93 17.75 8.88 15.44
CA LYS B 93 18.59 8.52 14.31
C LYS B 93 18.13 7.17 13.78
N LEU B 94 17.92 7.09 12.47
CA LEU B 94 17.40 5.89 11.83
C LEU B 94 18.06 5.72 10.47
N LYS B 95 18.28 4.46 10.10
CA LYS B 95 18.87 4.12 8.79
C LYS B 95 18.19 2.87 8.28
N VAL B 96 17.35 3.02 7.26
CA VAL B 96 16.66 1.88 6.67
C VAL B 96 17.67 0.96 5.99
N TRP B 97 17.46 -0.36 6.12
CA TRP B 97 18.32 -1.37 5.50
C TRP B 97 17.43 -2.32 4.71
N PHE B 98 17.11 -1.93 3.48
CA PHE B 98 16.29 -2.75 2.59
C PHE B 98 17.21 -3.59 1.70
N ARG B 99 17.05 -4.90 1.77
CA ARG B 99 17.88 -5.80 0.98
C ARG B 99 17.39 -5.84 -0.47
N ILE B 100 18.32 -5.63 -1.39
CA ILE B 100 17.98 -5.70 -2.82
C ILE B 100 17.53 -7.10 -3.17
N PRO B 101 16.46 -7.29 -3.94
CA PRO B 101 16.05 -8.64 -4.33
C PRO B 101 17.16 -9.37 -5.07
N ASN B 102 17.15 -10.70 -4.95
CA ASN B 102 18.25 -11.51 -5.46
C ASN B 102 18.40 -11.39 -6.97
N GLN B 103 17.32 -11.04 -7.68
CA GLN B 103 17.42 -10.84 -9.12
C GLN B 103 18.27 -9.61 -9.45
N PHE B 104 18.31 -8.63 -8.55
CA PHE B 104 19.05 -7.39 -8.78
C PHE B 104 20.24 -7.24 -7.84
N GLN B 105 20.66 -8.30 -7.17
CA GLN B 105 21.87 -8.23 -6.35
C GLN B 105 23.13 -8.08 -7.18
N GLY B 106 23.09 -8.48 -8.45
CA GLY B 106 24.27 -8.36 -9.30
C GLY B 106 24.55 -6.93 -9.69
N SER B 107 23.52 -6.21 -10.14
CA SER B 107 23.65 -4.82 -10.57
C SER B 107 22.41 -4.06 -10.15
N PRO B 108 22.38 -3.53 -8.93
CA PRO B 108 21.25 -2.72 -8.49
C PRO B 108 21.21 -1.40 -9.25
N PRO B 109 20.07 -1.06 -9.85
CA PRO B 109 19.97 0.23 -10.55
C PRO B 109 20.20 1.40 -9.60
N ALA B 110 20.84 2.43 -10.12
CA ALA B 110 21.14 3.60 -9.30
C ALA B 110 19.85 4.35 -8.97
N PRO B 111 19.65 4.75 -7.71
CA PRO B 111 18.42 5.47 -7.37
C PRO B 111 18.41 6.87 -7.98
N SER B 112 17.20 7.31 -8.34
CA SER B 112 17.03 8.67 -8.84
C SER B 112 17.13 9.69 -7.71
N ASP B 113 16.73 9.32 -6.51
CA ASP B 113 16.83 10.19 -5.34
C ASP B 113 18.19 9.98 -4.67
N GLU B 114 18.89 11.09 -4.39
CA GLU B 114 20.18 10.99 -3.74
C GLU B 114 20.09 10.49 -2.31
N SER B 115 18.92 10.63 -1.68
CA SER B 115 18.75 10.11 -0.32
C SER B 115 18.93 8.60 -0.28
N VAL B 116 18.39 7.91 -1.26
CA VAL B 116 18.53 6.46 -1.35
C VAL B 116 19.92 6.14 -1.87
N LYS B 117 20.69 5.38 -1.08
CA LYS B 117 22.05 5.01 -1.42
C LYS B 117 22.16 3.49 -1.47
N ILE B 118 23.00 3.00 -2.38
CA ILE B 118 23.24 1.58 -2.56
C ILE B 118 24.52 1.24 -1.83
N GLU B 119 24.39 0.63 -0.65
CA GLU B 119 25.52 0.24 0.18
C GLU B 119 25.66 -1.28 0.18
N GLU B 120 26.62 -1.77 0.96
CA GLU B 120 26.90 -3.20 0.98
C GLU B 120 27.38 -3.62 2.36
N ARG B 121 27.00 -4.83 2.77
CA ARG B 121 27.41 -5.41 4.04
C ARG B 121 27.77 -6.88 3.81
N GLU B 122 28.50 -7.43 4.78
CA GLU B 122 28.95 -8.82 4.72
C GLU B 122 27.99 -9.79 5.40
N GLY B 123 26.82 -9.31 5.82
CA GLY B 123 25.89 -10.13 6.55
C GLY B 123 26.17 -10.11 8.05
N ILE B 124 25.15 -10.45 8.82
CA ILE B 124 25.19 -10.38 10.28
C ILE B 124 24.56 -11.64 10.85
N THR B 125 24.61 -11.75 12.18
CA THR B 125 23.97 -12.83 12.92
C THR B 125 23.18 -12.21 14.05
N VAL B 126 21.87 -12.46 14.08
CA VAL B 126 20.96 -11.74 14.97
C VAL B 126 20.17 -12.72 15.83
N TYR B 127 19.69 -12.20 16.95
CA TYR B 127 18.73 -12.88 17.81
C TYR B 127 17.41 -12.14 17.70
N SER B 128 16.37 -12.82 17.20
CA SER B 128 15.13 -12.18 16.78
C SER B 128 13.98 -12.63 17.66
N THR B 129 13.15 -11.66 18.05
CA THR B 129 11.87 -11.90 18.71
C THR B 129 10.75 -11.30 17.87
N GLN B 130 9.58 -11.94 17.90
CA GLN B 130 8.49 -11.58 17.01
C GLN B 130 7.27 -11.15 17.81
N PHE B 131 6.57 -10.14 17.30
CA PHE B 131 5.36 -9.61 17.93
C PHE B 131 4.52 -8.92 16.87
N GLY B 132 3.20 -8.95 17.07
CA GLY B 132 2.26 -8.47 16.07
C GLY B 132 1.73 -7.07 16.36
N GLY B 133 0.83 -6.63 15.47
CA GLY B 133 0.21 -5.33 15.58
C GLY B 133 0.99 -4.24 14.86
N TYR B 134 0.43 -3.03 14.91
CA TYR B 134 1.10 -1.85 14.36
C TYR B 134 2.05 -1.32 15.43
N ALA B 135 3.35 -1.41 15.15
CA ALA B 135 4.38 -1.09 16.14
C ALA B 135 4.93 0.30 15.90
N LYS B 136 5.21 1.01 16.99
CA LYS B 136 5.84 2.33 16.94
C LYS B 136 7.06 2.31 17.85
N GLU B 137 7.49 3.49 18.29
CA GLU B 137 8.71 3.59 19.09
C GLU B 137 8.55 2.88 20.43
N ALA B 138 7.40 3.04 21.08
CA ALA B 138 7.20 2.45 22.39
C ALA B 138 7.18 0.93 22.33
N ASP B 139 6.71 0.36 21.21
CA ASP B 139 6.60 -1.09 21.11
C ASP B 139 7.94 -1.76 20.90
N TYR B 140 8.82 -1.15 20.11
CA TYR B 140 10.12 -1.76 19.86
C TYR B 140 11.03 -1.68 21.09
N VAL B 141 10.99 -0.57 21.82
CA VAL B 141 11.78 -0.45 23.02
C VAL B 141 11.30 -1.42 24.09
N ALA B 142 9.99 -1.58 24.22
CA ALA B 142 9.44 -2.50 25.22
C ALA B 142 9.79 -3.95 24.88
N HIS B 143 9.64 -4.33 23.61
CA HIS B 143 9.97 -5.69 23.20
C HIS B 143 11.47 -5.94 23.10
N ALA B 144 12.29 -4.88 23.15
CA ALA B 144 13.73 -5.07 23.19
C ALA B 144 14.21 -5.51 24.57
N THR B 145 13.54 -5.05 25.63
CA THR B 145 13.92 -5.45 26.98
C THR B 145 13.55 -6.90 27.25
N GLN B 146 12.40 -7.35 26.72
CA GLN B 146 11.99 -8.74 26.93
C GLN B 146 12.96 -9.71 26.28
N LEU B 147 13.58 -9.32 25.18
CA LEU B 147 14.61 -10.15 24.57
C LEU B 147 15.93 -10.07 25.33
N ARG B 148 16.24 -8.91 25.91
CA ARG B 148 17.42 -8.79 26.75
C ARG B 148 17.26 -9.55 28.05
N THR B 149 16.02 -9.64 28.56
CA THR B 149 15.78 -10.44 29.76
C THR B 149 15.93 -11.93 29.48
N THR B 150 15.56 -12.37 28.27
CA THR B 150 15.72 -13.78 27.91
C THR B 150 17.17 -14.11 27.63
N LEU B 151 17.94 -13.14 27.12
CA LEU B 151 19.34 -13.40 26.80
C LEU B 151 20.17 -13.67 28.05
N GLU B 152 19.75 -13.13 29.19
CA GLU B 152 20.46 -13.38 30.44
C GLU B 152 20.36 -14.86 30.83
N GLY B 153 21.51 -15.47 31.08
CA GLY B 153 21.59 -16.89 31.33
C GLY B 153 21.93 -17.72 30.12
N THR B 154 22.19 -17.09 28.97
CA THR B 154 22.58 -17.77 27.76
C THR B 154 23.97 -17.29 27.32
N PRO B 155 24.78 -18.17 26.74
CA PRO B 155 26.09 -17.73 26.24
C PRO B 155 26.02 -16.77 25.06
N ALA B 156 24.83 -16.35 24.65
CA ALA B 156 24.70 -15.42 23.54
C ALA B 156 25.21 -14.04 23.94
N THR B 157 26.04 -13.46 23.08
CA THR B 157 26.58 -12.12 23.28
C THR B 157 25.84 -11.16 22.34
N TYR B 158 25.15 -10.19 22.93
CA TYR B 158 24.39 -9.22 22.15
C TYR B 158 25.03 -7.85 22.27
N GLN B 159 25.22 -7.18 21.13
CA GLN B 159 25.80 -5.85 21.11
C GLN B 159 24.75 -4.81 21.49
N GLY B 160 25.11 -3.92 22.42
CA GLY B 160 24.22 -2.89 22.90
C GLY B 160 24.38 -1.53 22.28
N ASP B 161 25.26 -1.38 21.28
CA ASP B 161 25.46 -0.09 20.62
C ASP B 161 24.44 0.19 19.52
N VAL B 162 23.95 -0.85 18.85
CA VAL B 162 22.98 -0.68 17.77
C VAL B 162 22.27 -2.01 17.56
N TYR B 163 20.97 -1.95 17.29
CA TYR B 163 20.19 -3.13 16.98
C TYR B 163 19.16 -2.78 15.93
N TYR B 164 18.67 -3.80 15.23
CA TYR B 164 17.76 -3.64 14.11
C TYR B 164 16.34 -4.03 14.49
N CYS B 165 15.37 -3.33 13.90
CA CYS B 165 13.98 -3.73 13.92
C CYS B 165 13.58 -4.21 12.53
N ALA B 166 12.37 -4.75 12.42
CA ALA B 166 11.92 -5.30 11.16
C ALA B 166 10.40 -5.23 11.06
N GLY B 167 9.92 -5.35 9.83
CA GLY B 167 8.49 -5.37 9.55
C GLY B 167 8.19 -6.08 8.26
N TYR B 168 7.11 -6.85 8.22
CA TYR B 168 6.78 -7.69 7.07
C TYR B 168 5.55 -7.22 6.31
N ASP B 169 4.89 -6.15 6.76
CA ASP B 169 3.55 -5.87 6.25
C ASP B 169 3.40 -4.40 5.90
N PRO B 170 2.71 -4.09 4.81
CA PRO B 170 2.36 -2.70 4.51
C PRO B 170 1.41 -2.15 5.55
N PRO B 171 1.33 -0.83 5.69
CA PRO B 171 0.49 -0.26 6.76
C PRO B 171 -0.97 -0.65 6.70
N MET B 172 -1.52 -0.94 5.51
CA MET B 172 -2.96 -1.19 5.41
C MET B 172 -3.35 -2.61 5.80
N LYS B 173 -2.40 -3.47 6.12
CA LYS B 173 -2.75 -4.83 6.54
C LYS B 173 -3.30 -4.79 7.96
N PRO B 174 -4.55 -5.17 8.18
CA PRO B 174 -5.14 -5.03 9.52
C PRO B 174 -4.57 -5.99 10.56
N TYR B 175 -4.64 -7.29 10.28
CA TYR B 175 -4.37 -8.32 11.27
C TYR B 175 -3.21 -9.20 10.83
N GLY B 176 -2.81 -10.09 11.74
CA GLY B 176 -1.75 -11.04 11.45
C GLY B 176 -0.42 -10.40 11.12
N ARG B 177 -0.12 -9.25 11.72
CA ARG B 177 1.10 -8.54 11.39
C ARG B 177 2.30 -9.16 12.10
N ARG B 178 3.47 -8.94 11.52
CA ARG B 178 4.73 -9.48 12.04
C ARG B 178 5.73 -8.35 12.18
N ASN B 179 6.13 -8.07 13.42
CA ASN B 179 7.21 -7.14 13.71
C ASN B 179 8.28 -7.85 14.52
N GLU B 180 9.54 -7.49 14.30
CA GLU B 180 10.65 -8.19 14.92
C GLU B 180 11.70 -7.22 15.42
N VAL B 181 12.42 -7.65 16.45
CA VAL B 181 13.54 -6.90 17.02
C VAL B 181 14.77 -7.78 16.93
N TRP B 182 15.77 -7.32 16.18
CA TRP B 182 17.01 -8.07 15.96
C TRP B 182 18.10 -7.51 16.86
N LEU B 183 18.84 -8.40 17.51
CA LEU B 183 20.00 -8.03 18.32
C LEU B 183 21.25 -8.61 17.66
N VAL B 184 22.21 -7.74 17.38
CA VAL B 184 23.42 -8.15 16.67
C VAL B 184 24.35 -8.91 17.62
N LYS B 185 24.78 -10.08 17.19
CA LYS B 185 25.63 -10.93 18.02
C LYS B 185 27.01 -10.31 18.24
CHA HEM C . -0.73 3.52 -0.76
CHB HEM C . -1.11 7.65 -3.24
CHC HEM C . -4.20 5.48 -6.33
CHD HEM C . -3.23 1.22 -4.24
C1A HEM C . -0.66 4.83 -1.15
C2A HEM C . -0.12 5.84 -0.34
C3A HEM C . -0.22 7.01 -1.02
C4A HEM C . -0.83 6.72 -2.27
CMA HEM C . 0.23 8.37 -0.56
CAA HEM C . 0.45 5.66 1.05
CBA HEM C . -0.66 5.97 2.06
CGA HEM C . -0.17 5.83 3.47
O1A HEM C . 0.24 6.84 4.08
O2A HEM C . -0.17 4.71 4.04
C1B HEM C . -2.00 7.37 -4.28
C2B HEM C . -2.43 8.39 -5.18
C3B HEM C . -3.29 7.80 -6.06
C4B HEM C . -3.38 6.38 -5.65
CMB HEM C . -2.00 9.84 -5.17
CAB HEM C . -4.00 8.45 -7.18
CBB HEM C . -3.32 8.94 -8.21
C1C HEM C . -4.20 4.12 -6.04
C2C HEM C . -4.95 3.16 -6.72
C3C HEM C . -4.67 1.94 -6.13
C4C HEM C . -3.74 2.18 -5.07
CMC HEM C . -5.86 3.41 -7.89
CAC HEM C . -5.21 0.63 -6.52
CBC HEM C . -6.51 0.37 -6.37
C1D HEM C . -2.47 1.55 -3.12
C2D HEM C . -2.04 0.51 -2.17
C3D HEM C . -1.36 1.14 -1.20
C4D HEM C . -1.35 2.57 -1.56
CMD HEM C . -2.32 -0.97 -2.25
CAD HEM C . -0.71 0.48 -0.02
CBD HEM C . -1.28 0.95 1.31
CGD HEM C . -0.20 0.78 2.35
O1D HEM C . 0.88 0.21 2.05
O2D HEM C . -0.38 1.22 3.50
NA HEM C . -1.17 5.39 -2.28
NB HEM C . -2.59 6.21 -4.59
NC HEM C . -3.52 3.53 -5.01
ND HEM C . -2.03 2.75 -2.71
FE HEM C . -2.29 4.39 -3.57
S SO4 D . -0.09 -11.28 -1.82
O1 SO4 D . 0.63 -12.40 -2.42
O2 SO4 D . 0.71 -10.71 -0.74
O3 SO4 D . -0.36 -10.25 -2.82
O4 SO4 D . -1.37 -11.76 -1.28
S SO4 E . -6.11 -1.50 -24.67
O1 SO4 E . -4.91 -1.70 -23.87
O2 SO4 E . -6.45 -0.08 -24.72
O3 SO4 E . -5.86 -1.99 -26.04
O4 SO4 E . -7.22 -2.25 -24.08
CHA HEM F . 3.87 0.70 -1.49
CHB HEM F . 4.09 3.98 2.06
CHC HEM F . 5.88 0.54 5.04
CHD HEM F . 5.06 -2.81 1.64
C1A HEM F . 3.83 1.88 -0.77
C2A HEM F . 3.59 3.13 -1.35
C3A HEM F . 3.66 4.05 -0.37
C4A HEM F . 3.94 3.37 0.84
CMA HEM F . 3.46 5.53 -0.55
CAA HEM F . 3.31 3.39 -2.82
CBA HEM F . 1.84 3.16 -3.16
CGA HEM F . 1.69 3.23 -4.66
O1A HEM F . 1.18 4.22 -5.20
O2A HEM F . 2.11 2.28 -5.36
C1B HEM F . 4.63 3.28 3.16
C2B HEM F . 4.95 3.95 4.37
C3B HEM F . 5.45 3.01 5.22
C4B HEM F . 5.43 1.73 4.47
CMB HEM F . 4.77 5.41 4.66
CAB HEM F . 5.93 3.22 6.61
CBB HEM F . 5.09 3.56 7.58
C1C HEM F . 5.79 -0.68 4.39
C2C HEM F . 6.19 -1.92 4.92
C3C HEM F . 5.96 -2.88 3.93
C4C HEM F . 5.42 -2.20 2.81
CMC HEM F . 6.75 -2.17 6.29
CAC HEM F . 6.20 -4.32 4.05
CBC HEM F . 7.44 -4.79 4.03
C1D HEM F . 4.70 -2.07 0.51
C2D HEM F . 4.48 -2.72 -0.78
C3D HEM F . 4.15 -1.75 -1.65
C4D HEM F . 4.16 -0.50 -0.88
CMD HEM F . 4.62 -4.19 -1.09
CAD HEM F . 3.84 -1.91 -3.10
CBD HEM F . 2.34 -1.73 -3.32
CGD HEM F . 2.13 -1.44 -4.78
O1D HEM F . 3.05 -1.65 -5.60
O2D HEM F . 1.03 -1.01 -5.17
NA HEM F . 4.10 2.04 0.55
NB HEM F . 4.92 1.98 3.26
NC HEM F . 5.38 -0.86 3.09
ND HEM F . 4.49 -0.74 0.39
FE HEM F . 4.63 0.54 1.74
#